data_7C2T
#
_entry.id   7C2T
#
_cell.length_a   1.00
_cell.length_b   1.00
_cell.length_c   1.00
_cell.angle_alpha   90.00
_cell.angle_beta   90.00
_cell.angle_gamma   90.00
#
_symmetry.space_group_name_H-M   'P 1'
#
loop_
_entity.id
_entity.type
_entity.pdbx_description
1 polymer 'envelope protein'
2 polymer 'M protein'
3 polymer 'Heavy chain from Fab C10'
4 polymer 'Light chain from Fab C10'
#
loop_
_entity_poly.entity_id
_entity_poly.type
_entity_poly.pdbx_seq_one_letter_code
_entity_poly.pdbx_strand_id
1 'polypeptide(L)'
;IRCIGVSNRDFVEGMSGGTWVDVVLEHGGCVTVMAQDKPTVDIELVTTTVSNMAEVRSYCYEASISDMASDSRCPTQGEA
YLDKQSDTQYVCKRTLVDRGWGNGCGLFGKGSLVTCAKFACSKKMTGKSIQPENLEYRIMLSVHGSQHSGMIVNDTGHET
DENRAKVEITPNSPRAEATLGGFGSLGLDCEPRTGLDFSDLYYLTMNNKHWLVHKEWFHDIPLPWHAGADTGTPHWNNKE
ALVEFKDAHAKRQTVVVLGSQEGAVHTALAGALEAEMDGAKGRLSSGHLKCRLKMDKLRLKGVSYSLCTAAFTFTKIPAE
TLHGTVTVEVQYAGTDGPCKVPAQMAVDMQTLTPVGRLITANPVITESTENSKMMLELDPPFGDSYIVIGVGEKKITHHW
HRSGSTIGKAFEATVRGAKRMAVLGDTAWDFGSVGGALNSLGKGIHQIFGAAFKSLFGGMSWFSQILIGTLLMWLGLNTK
NGSISLMCLALGGVLIFLSTAVSA
;
B,N
2 'polypeptide(L)' AVTLPSHSTRKLQTRSQTWLESREYTKHLIRVENWIFRNPGFALAAAAIAWLLGSSTSQKVIYLVMILLIAPAYS E,Q
3 'polypeptide(L)'
;EVQLVESGAEVKKPGASVKVSCKASGYTFTSYAMHWVRQAPGQRLEWMGWINAGNGNTKYSQKFQDRVTITRDTSASTAY
MELSSLRSEDTAIYYCARDKVDDYGDYWFPTLWYFDYWGQGTLVTVS
;
K,V
4 'polypeptide(L)'
;SALTQPASVSGSPGQSITISCTGTSSDVGGFNYVSWFQQHPGKAPKLMLYDVTSRPSGVSSRFSGSKSGNTASLTISGLQ
AEDEADYYCSSHTSRGTWVFGGGTKLTVL
;
L,W
#
# COMPACT_ATOMS: atom_id res chain seq x y z
CA ILE A 1 29.80 4.96 34.46
CA ARG A 2 27.21 2.94 32.49
CA CYS A 3 24.78 5.80 33.03
CA ILE A 4 26.11 9.34 32.70
CA GLY A 5 24.87 11.38 29.76
CA VAL A 6 21.93 9.21 28.70
CA SER A 7 19.64 12.11 29.76
CA ASN A 8 16.93 9.74 31.00
CA ARG A 9 18.75 8.58 34.15
CA ASP A 10 16.64 9.02 37.29
CA PHE A 11 18.19 9.74 40.67
CA VAL A 12 16.29 7.93 43.41
CA GLU A 13 17.49 7.99 47.03
CA GLY A 14 15.74 6.26 49.89
CA MET A 15 15.82 8.15 53.19
CA SER A 16 16.19 5.48 55.87
CA GLY A 17 13.26 3.07 55.70
CA GLY A 18 15.84 0.36 55.12
CA THR A 19 16.16 -0.55 51.49
CA TRP A 20 12.66 -0.50 50.07
CA VAL A 21 12.79 2.06 47.25
CA ASP A 22 11.26 -0.07 44.47
CA VAL A 23 12.01 2.46 41.76
CA VAL A 24 10.40 1.71 38.41
CA LEU A 25 13.10 0.92 35.84
CA GLU A 26 12.35 1.66 32.20
CA HIS A 27 14.32 1.05 29.02
CA GLY A 28 16.41 3.84 27.50
CA GLY A 29 17.41 5.47 30.76
CA CYS A 30 19.63 4.09 33.48
CA VAL A 31 17.95 4.32 36.86
CA THR A 32 20.71 5.50 39.18
CA VAL A 33 20.24 4.55 42.81
CA MET A 34 22.34 6.07 45.57
CA ALA A 35 21.74 5.60 49.27
CA GLN A 36 22.99 7.11 52.48
CA ASP A 37 24.93 3.87 52.81
CA LYS A 38 25.87 1.57 49.90
CA PRO A 39 27.73 2.38 46.71
CA THR A 40 25.80 4.07 43.92
CA VAL A 41 24.25 1.74 41.34
CA ASP A 42 23.01 2.48 37.83
CA ILE A 43 20.27 0.19 36.50
CA GLU A 44 18.68 0.15 33.04
CA LEU A 45 16.25 -2.26 31.40
CA VAL A 46 18.64 -2.97 28.51
CA THR A 47 16.78 -5.55 26.41
CA THR A 48 13.31 -7.01 26.99
CA THR A 49 12.63 -10.44 25.46
CA VAL A 50 9.57 -12.58 24.70
CA SER A 51 10.78 -16.17 24.63
CA ASN A 52 7.84 -18.15 23.21
CA MET A 53 5.44 -17.16 20.43
CA ALA A 54 2.51 -18.71 18.61
CA GLU A 55 1.40 -17.64 15.16
CA VAL A 56 -1.96 -15.94 15.08
CA ARG A 57 -3.00 -16.52 11.47
CA SER A 58 -0.76 -14.76 8.99
CA TYR A 59 -3.18 -12.73 6.91
CA CYS A 60 -2.13 -11.34 3.55
CA TYR A 61 -0.85 -7.93 2.53
CA GLU A 62 -0.54 -8.50 -1.24
CA ALA A 63 -2.97 -10.00 -3.78
CA SER A 64 -2.65 -12.51 -6.56
CA ILE A 65 -5.55 -13.94 -8.60
CA SER A 66 -5.72 -16.87 -11.01
CA ASP A 67 -7.82 -17.71 -14.08
CA MET A 68 -11.16 -16.25 -15.20
CA ALA A 69 -13.54 -18.78 -16.71
CA SER A 70 -17.12 -17.93 -17.56
CA ASP A 71 -19.98 -20.44 -17.37
CA SER A 72 -22.26 -17.68 -18.67
CA ARG A 73 -25.88 -18.80 -18.90
CA CYS A 74 -28.59 -16.95 -20.81
CA PRO A 75 -31.71 -15.70 -18.94
CA THR A 76 -33.38 -19.10 -19.19
CA GLN A 77 -32.23 -21.97 -16.90
CA GLY A 78 -31.16 -19.28 -14.42
CA GLU A 79 -28.08 -19.90 -12.36
CA ALA A 80 -24.67 -20.90 -13.73
CA TYR A 81 -22.08 -23.23 -12.23
CA LEU A 82 -18.46 -22.90 -13.45
CA ASP A 83 -16.96 -25.94 -11.73
CA LYS A 84 -13.99 -23.73 -10.91
CA GLN A 85 -16.48 -22.63 -8.23
CA SER A 86 -16.88 -24.64 -5.00
CA ASP A 87 -13.18 -24.34 -4.09
CA THR A 88 -11.14 -22.65 -1.38
CA GLN A 89 -8.71 -20.51 -3.46
CA TYR A 90 -11.07 -19.73 -6.37
CA VAL A 91 -12.87 -16.40 -5.92
CA CYS A 92 -16.16 -16.28 -7.80
CA LYS A 93 -18.85 -13.76 -8.66
CA ARG A 94 -22.11 -13.89 -10.62
CA THR A 95 -22.83 -10.62 -12.43
CA LEU A 96 -25.94 -10.06 -14.51
CA VAL A 97 -24.66 -8.86 -17.89
CA ASP A 98 -26.84 -7.60 -20.68
CA ARG A 99 -27.52 -10.03 -23.45
CA GLY A 100 -30.61 -9.16 -25.39
CA TRP A 101 -30.43 -11.61 -28.27
CA GLY A 102 -27.39 -11.00 -30.43
CA ASN A 103 -25.51 -13.77 -28.66
CA GLY A 104 -27.02 -17.07 -27.58
CA CYS A 105 -30.06 -16.12 -25.63
CA GLY A 106 -33.32 -16.55 -27.60
CA LEU A 107 -34.61 -14.08 -25.05
CA PHE A 108 -33.80 -10.69 -23.59
CA GLY A 109 -33.23 -10.23 -19.87
CA LYS A 110 -29.46 -10.29 -19.29
CA GLY A 111 -28.01 -13.76 -18.53
CA SER A 112 -25.90 -15.28 -15.78
CA LEU A 113 -22.14 -15.29 -16.06
CA VAL A 114 -20.67 -16.81 -12.88
CA THR A 115 -17.13 -15.83 -13.95
CA CYS A 116 -14.61 -16.75 -11.27
CA ALA A 117 -11.07 -15.84 -10.34
CA LYS A 118 -8.71 -17.75 -8.06
CA PHE A 119 -6.92 -15.89 -5.28
CA ALA A 120 -3.70 -17.29 -3.83
CA CYS A 121 -2.07 -15.02 -1.28
CA SER A 122 1.52 -14.00 -1.88
CA LYS A 123 2.27 -12.48 1.50
CA LYS A 124 1.69 -13.79 5.00
CA MET A 125 1.49 -10.93 7.52
CA THR A 126 2.29 -13.53 10.21
CA GLY A 127 1.11 -12.21 13.54
CA LYS A 128 2.56 -14.02 16.54
CA SER A 129 0.65 -14.34 19.78
CA ILE A 130 2.89 -13.91 22.81
CA GLN A 131 2.37 -14.39 26.51
CA PRO A 132 3.37 -12.79 29.83
CA GLU A 133 5.02 -15.99 31.01
CA ASN A 134 8.52 -17.20 30.02
CA LEU A 135 9.28 -13.79 28.51
CA GLU A 136 12.52 -12.24 29.58
CA TYR A 137 13.54 -8.92 31.13
CA ARG A 138 17.34 -8.60 30.91
CA ILE A 139 18.65 -5.61 32.88
CA MET A 140 22.23 -4.53 33.56
CA LEU A 141 23.70 -2.42 36.34
CA SER A 142 27.01 -0.85 37.34
CA VAL A 143 28.58 1.11 40.16
CA HIS A 144 30.77 4.19 39.93
CA GLY A 145 34.35 3.06 40.39
CA SER A 146 37.92 3.70 39.44
CA GLN A 147 37.34 2.27 36.00
CA HIS A 148 37.22 5.23 33.64
CA SER A 149 36.86 4.58 29.91
CA GLY A 150 37.68 0.99 30.79
CA ASP A 161 34.27 -6.06 36.00
CA GLU A 162 33.21 -5.95 39.63
CA ASN A 163 31.63 -2.53 39.12
CA ARG A 164 28.99 -3.75 36.66
CA ALA A 165 26.53 -6.66 36.70
CA LYS A 166 23.89 -8.20 34.43
CA VAL A 167 20.43 -9.50 35.41
CA GLU A 168 17.50 -11.14 33.58
CA ILE A 169 14.09 -11.78 35.15
CA THR A 170 11.24 -14.10 33.98
CA PRO A 171 7.77 -14.03 35.65
CA ASN A 172 8.73 -17.57 36.61
CA SER A 173 11.56 -15.90 38.57
CA PRO A 174 10.55 -12.34 39.57
CA ARG A 175 13.10 -12.51 42.38
CA ALA A 176 16.71 -11.68 41.50
CA GLU A 177 20.06 -10.64 42.95
CA ALA A 178 23.23 -9.17 41.42
CA THR A 179 26.70 -9.92 42.80
CA LEU A 180 29.06 -6.93 42.88
CA GLY A 181 32.54 -7.77 44.11
CA GLY A 182 33.39 -5.72 47.17
CA PHE A 183 30.08 -3.95 46.62
CA GLY A 184 27.37 -6.52 47.19
CA SER A 185 24.11 -8.24 46.47
CA LEU A 186 21.50 -5.59 45.54
CA GLY A 187 18.42 -7.80 46.01
CA LEU A 188 15.98 -7.58 43.09
CA ASP A 189 12.27 -8.41 43.12
CA CYS A 190 10.88 -7.47 39.73
CA GLU A 191 7.33 -7.88 38.52
CA PRO A 192 8.00 -9.51 35.13
CA ARG A 193 4.31 -9.92 34.30
CA THR A 194 2.64 -6.54 34.92
CA GLY A 195 5.47 -4.62 33.34
CA LEU A 196 4.92 -4.14 29.60
CA ASP A 197 1.39 -5.66 29.42
CA PHE A 198 2.15 -8.61 27.12
CA SER A 199 -0.15 -10.91 25.07
CA ASP A 200 -2.58 -8.28 23.82
CA LEU A 201 0.15 -7.02 21.53
CA TYR A 202 0.80 -9.55 18.79
CA TYR A 203 4.29 -10.03 17.46
CA LEU A 204 3.38 -9.05 13.97
CA THR A 205 5.42 -9.66 10.85
CA MET A 206 4.96 -7.58 7.77
CA ASN A 207 7.77 -7.93 5.30
CA ASN A 208 10.93 -8.11 7.43
CA LYS A 209 9.38 -5.98 10.19
CA HIS A 210 8.27 -6.78 13.71
CA TRP A 211 6.23 -4.80 16.20
CA LEU A 212 3.72 -5.37 18.91
CA VAL A 213 0.21 -4.59 17.65
CA HIS A 214 -2.74 -4.89 19.98
CA LYS A 215 -4.93 -7.93 19.52
CA GLU A 216 -7.32 -5.09 18.65
CA TRP A 217 -5.66 -3.84 15.44
CA PHE A 218 -4.14 -7.13 14.26
CA HIS A 219 -7.64 -8.61 14.18
CA ASP A 220 -8.99 -5.34 12.76
CA ILE A 221 -6.84 -5.75 9.64
CA PRO A 222 -8.87 -6.93 6.73
CA LEU A 223 -6.50 -9.14 4.78
CA PRO A 224 -6.77 -12.63 3.22
CA TRP A 225 -6.47 -14.96 6.14
CA HIS A 226 -3.99 -17.68 6.77
CA ALA A 227 -6.93 -18.55 9.08
CA GLY A 228 -4.71 -19.72 11.92
CA ALA A 229 -3.85 -22.55 9.55
CA ASP A 230 -0.69 -24.59 9.50
CA THR A 231 0.64 -24.13 5.96
CA GLY A 232 -0.89 -26.50 3.43
CA THR A 233 -2.45 -24.19 0.87
CA PRO A 234 -2.90 -22.07 3.88
CA HIS A 235 -6.62 -21.84 4.11
CA TRP A 236 -7.27 -18.38 2.81
CA ASN A 237 -10.22 -16.57 4.26
CA ASN A 238 -11.15 -13.12 3.01
CA LYS A 239 -9.21 -13.04 -0.31
CA GLU A 240 -11.89 -10.61 -1.48
CA ALA A 241 -10.98 -7.42 0.41
CA LEU A 242 -7.63 -7.46 -1.39
CA VAL A 243 -9.21 -7.86 -4.86
CA GLU A 244 -11.63 -5.71 -6.91
CA PHE A 245 -14.67 -6.87 -8.94
CA LYS A 246 -16.03 -4.68 -11.76
CA ASP A 247 -17.81 -4.80 -15.13
CA ALA A 248 -17.51 -2.51 -18.12
CA HIS A 249 -20.90 -0.79 -18.34
CA ALA A 250 -23.56 -3.51 -18.41
CA LYS A 251 -21.55 -6.56 -19.55
CA ARG A 252 -18.30 -8.57 -19.47
CA GLN A 253 -17.47 -8.83 -15.76
CA THR A 254 -13.84 -8.55 -14.66
CA VAL A 255 -11.71 -8.58 -11.50
CA VAL A 256 -9.01 -6.03 -10.63
CA VAL A 257 -6.12 -7.34 -8.55
CA LEU A 258 -5.83 -4.38 -6.11
CA GLY A 259 -2.08 -4.66 -5.64
CA SER A 260 0.36 -4.51 -2.79
CA GLN A 261 -1.07 -3.24 0.50
CA GLU A 262 2.28 -3.59 2.28
CA GLY A 263 2.72 0.12 2.91
CA ALA A 264 -0.98 0.41 3.75
CA VAL A 265 -0.92 -1.37 7.12
CA HIS A 266 2.42 0.25 7.94
CA THR A 267 0.89 3.71 7.81
CA ALA A 268 -2.08 2.75 10.01
CA LEU A 269 0.43 1.15 12.41
CA ALA A 270 1.37 4.51 13.99
CA GLY A 271 0.32 3.52 17.50
CA ALA A 272 2.29 0.30 17.55
CA LEU A 273 6.00 0.32 18.28
CA GLU A 274 8.44 -1.69 16.20
CA ALA A 275 9.80 -4.85 17.80
CA GLU A 276 13.53 -5.14 17.23
CA MET A 277 14.19 -8.71 16.14
CA ASP A 278 12.76 -12.15 15.51
CA GLY A 279 14.01 -15.61 16.40
CA ALA A 280 13.09 -18.37 18.79
CA LYS A 281 12.73 -15.48 21.24
CA GLY A 282 11.15 -12.23 20.17
CA ARG A 283 13.69 -9.54 21.02
CA LEU A 284 12.12 -6.14 21.58
CA SER A 285 13.04 -2.78 23.12
CA SER A 286 11.44 -0.11 25.30
CA GLY A 287 9.35 -2.00 27.85
CA HIS A 288 8.21 -1.13 31.36
CA LEU A 289 9.15 -2.77 34.65
CA LYS A 290 8.11 -2.20 38.23
CA CYS A 291 10.93 -3.85 40.16
CA ARG A 292 11.01 -3.94 43.93
CA LEU A 293 14.54 -2.77 44.58
CA LYS A 294 16.37 -4.08 47.63
CA MET A 295 19.93 -3.10 48.50
CA ASP A 296 20.78 -5.45 51.36
CA LYS A 297 24.49 -5.98 50.82
CA LEU A 298 26.15 -3.12 49.01
CA ARG A 299 29.57 -2.13 50.31
CA LEU A 300 31.54 0.93 49.31
CA LYS A 301 34.67 -1.28 49.31
CA GLY A 302 36.73 1.88 49.56
CA VAL A 303 36.01 3.09 53.07
CA SER A 304 38.92 1.00 54.37
CA TYR A 305 41.23 2.65 51.86
CA SER A 306 43.43 5.44 53.06
CA LEU A 307 42.87 8.43 50.84
CA CYS A 308 46.22 9.05 49.19
CA THR A 309 48.00 12.37 49.38
CA ALA A 310 48.84 13.14 45.76
CA ALA A 311 48.65 15.67 43.01
CA PHE A 312 45.35 14.95 41.30
CA THR A 313 44.82 15.92 37.67
CA PHE A 314 41.83 16.61 35.49
CA THR A 315 42.53 15.04 32.11
CA LYS A 316 38.96 15.14 30.81
CA ILE A 317 37.57 18.41 32.16
CA PRO A 318 34.80 18.36 34.78
CA ALA A 319 31.59 18.27 32.78
CA GLU A 320 28.01 18.42 34.00
CA THR A 321 25.85 15.62 32.67
CA LEU A 322 22.41 16.64 31.54
CA HIS A 323 20.97 15.92 35.01
CA GLY A 324 23.30 18.43 36.66
CA THR A 325 25.90 16.15 38.21
CA VAL A 326 29.34 17.01 36.89
CA THR A 327 31.12 13.94 35.59
CA VAL A 328 34.77 14.68 36.26
CA GLU A 329 37.64 12.34 35.42
CA VAL A 330 40.70 12.66 37.62
CA GLN A 331 43.85 10.60 37.27
CA TYR A 332 46.76 11.11 39.63
CA ALA A 333 50.33 10.01 40.10
CA GLY A 334 52.61 10.12 43.13
CA THR A 335 50.93 7.56 45.37
CA ASP A 336 49.74 3.98 45.54
CA GLY A 337 47.11 1.88 47.23
CA PRO A 338 43.62 1.60 45.75
CA CYS A 339 43.38 4.79 47.68
CA LYS A 340 40.42 7.02 48.26
CA VAL A 341 40.38 10.46 46.72
CA PRO A 342 38.62 13.60 47.98
CA ALA A 343 35.72 14.38 45.66
CA GLN A 344 34.24 17.32 47.61
CA MET A 345 34.11 20.78 46.10
CA ALA A 346 34.54 24.33 47.31
CA VAL A 347 32.57 27.56 47.39
CA ASP A 348 35.65 29.66 48.26
CA MET A 349 39.31 28.65 48.50
CA GLN A 350 39.43 28.93 52.30
CA THR A 351 36.36 26.89 53.18
CA LEU A 352 36.05 23.87 50.95
CA THR A 353 32.78 23.69 52.94
CA PRO A 354 31.92 20.62 50.87
CA VAL A 355 28.85 21.69 49.03
CA GLY A 356 26.40 19.84 46.84
CA ARG A 357 25.97 16.09 46.99
CA LEU A 358 28.56 13.56 45.82
CA ILE A 359 27.13 11.06 43.36
CA THR A 360 30.06 8.62 43.24
CA ALA A 361 29.46 7.69 46.91
CA ASN A 362 32.99 6.79 47.99
CA PRO A 363 35.29 7.27 44.98
CA VAL A 364 38.24 4.93 44.95
CA ILE A 365 41.17 4.01 42.75
CA THR A 366 42.37 0.93 40.90
CA GLU A 367 45.99 1.87 41.78
CA SER A 368 48.11 -0.70 39.82
CA THR A 369 50.66 1.44 37.91
CA GLU A 370 49.96 5.13 37.63
CA ASN A 371 46.35 4.74 36.51
CA SER A 372 43.85 6.30 38.94
CA LYS A 373 40.94 7.07 36.59
CA MET A 374 38.39 7.54 39.39
CA MET A 375 36.04 9.35 36.94
CA LEU A 376 34.16 10.30 40.10
CA GLU A 377 31.19 12.61 39.56
CA LEU A 378 30.08 15.55 41.67
CA ASP A 379 26.71 17.21 42.24
CA PRO A 380 27.78 20.85 42.64
CA PRO A 381 25.78 23.47 44.50
CA PHE A 382 23.33 25.50 42.49
CA GLY A 383 25.78 28.45 42.60
CA ASP A 384 29.46 29.02 41.99
CA SER A 385 31.51 25.97 42.86
CA TYR A 386 35.18 25.13 42.81
CA ILE A 387 35.43 21.45 41.98
CA VAL A 388 38.47 20.36 43.96
CA ILE A 389 39.88 16.83 43.86
CA GLY A 390 42.89 16.55 46.10
CA VAL A 391 44.15 15.76 49.55
CA GLY A 392 46.98 18.02 50.59
CA GLU A 393 47.80 21.67 50.06
CA LYS A 394 47.96 20.80 46.36
CA LYS A 395 44.43 19.90 45.28
CA ILE A 396 43.34 20.52 41.72
CA THR A 397 40.50 23.01 41.66
CA HIS A 398 38.06 23.45 38.84
CA HIS A 399 35.79 26.36 39.44
CA TRP A 400 32.54 24.80 38.49
CA HIS A 401 29.59 27.16 38.82
CA ARG A 402 26.81 24.60 38.43
CA SER A 403 24.56 27.60 37.63
CA GLY A 404 21.46 25.37 37.95
CA SER A 405 18.52 26.92 39.75
CA THR A 406 17.16 25.33 42.90
CA ILE A 407 13.47 25.96 42.16
CA GLY A 408 13.90 25.06 38.48
CA LYS A 409 15.47 21.82 39.65
CA ALA A 410 12.63 20.83 42.00
CA PHE A 411 10.29 21.87 39.19
CA GLU A 412 12.21 19.55 36.88
CA ALA A 413 11.64 16.47 39.05
CA THR A 414 7.92 17.24 39.11
CA VAL A 415 7.62 17.55 35.32
CA ARG A 416 9.68 14.39 34.91
CA GLY A 417 7.50 13.06 37.72
CA ALA A 418 4.57 13.96 35.49
CA LYS A 419 6.21 12.41 32.44
CA ARG A 420 6.79 9.38 34.62
CA MET A 421 3.20 9.84 35.75
CA ALA A 422 2.05 9.95 32.13
CA VAL A 423 4.23 7.07 30.93
CA LEU A 424 4.03 4.93 34.09
CA GLY A 425 0.39 5.77 34.73
CA ASP A 426 -0.56 4.54 38.19
CA THR A 427 3.05 3.37 38.42
CA ALA A 428 3.94 7.04 38.94
CA TRP A 429 2.99 6.32 42.50
CA ASP A 430 5.26 3.43 43.64
CA PHE A 431 8.03 4.81 41.42
CA GLY A 432 9.33 6.93 44.31
CA SER A 433 7.54 4.51 46.59
CA VAL A 434 9.76 3.81 49.59
CA GLY A 435 7.46 3.54 52.62
CA GLY A 436 4.82 6.19 52.04
CA ALA A 437 1.31 4.97 52.72
CA LEU A 438 0.20 8.02 50.72
CA ASN A 439 2.13 6.41 47.87
CA SER A 440 0.17 3.15 47.95
CA LEU A 441 -2.87 5.40 48.15
CA GLY A 442 -1.59 7.36 45.14
CA LYS A 443 -1.29 4.04 43.36
CA GLY A 444 -4.89 3.13 44.05
CA ILE A 445 -5.84 6.74 43.42
CA HIS A 446 -4.15 6.77 40.04
CA GLN A 447 -5.27 3.15 39.68
CA ILE A 448 -9.03 3.65 39.48
CA PHE A 449 -8.34 7.00 37.81
CA GLY A 450 -5.78 5.60 35.36
CA ALA A 451 -8.19 2.72 34.78
CA ALA A 452 -11.40 4.73 34.42
CA PHE A 453 -9.75 7.53 32.42
CA LYS A 454 -8.54 5.03 29.82
CA SER A 455 -11.59 2.74 30.10
CA LEU A 456 -14.08 5.39 28.98
CA PHE A 457 -11.47 6.65 26.53
CA GLY A 458 -8.91 4.16 25.29
CA GLY A 459 -9.30 4.69 21.66
CA MET A 460 -7.90 8.23 21.55
CA SER A 461 -5.52 9.36 18.85
CA TRP A 462 -3.40 12.42 19.51
CA PHE A 463 -5.86 14.91 18.05
CA SER A 464 -8.72 12.85 19.47
CA GLN A 465 -7.59 13.72 23.00
CA ILE A 466 -6.63 17.35 22.31
CA LEU A 467 -9.82 18.13 20.36
CA ILE A 468 -11.88 16.71 23.21
CA GLY A 469 -9.39 17.89 25.82
CA THR A 470 -9.93 21.40 24.47
CA LEU A 471 -13.70 21.00 24.13
CA LEU A 472 -13.85 19.90 27.77
CA MET A 473 -11.93 23.11 28.55
CA TRP A 474 -14.45 25.29 26.74
CA LEU A 475 -16.89 23.23 28.78
CA GLY A 476 -14.50 23.84 31.67
CA LEU A 477 -15.28 27.54 31.73
CA ASN A 478 -18.76 27.53 30.22
CA THR A 479 -21.66 27.86 32.64
CA LYS A 480 -23.54 26.31 35.58
CA ASN A 481 -21.67 25.33 38.80
CA GLY A 482 -17.98 25.37 39.61
CA SER A 483 -18.19 21.59 39.96
CA ILE A 484 -19.86 19.97 36.94
CA SER A 485 -18.24 22.53 34.66
CA LEU A 486 -15.09 21.92 36.70
CA MET A 487 -15.03 18.12 36.31
CA CYS A 488 -15.47 18.78 32.60
CA LEU A 489 -12.46 21.08 32.83
CA ALA A 490 -10.14 18.74 34.74
CA LEU A 491 -10.83 15.84 32.39
CA GLY A 492 -10.00 17.83 29.26
CA GLY A 493 -6.93 19.19 30.99
CA VAL A 494 -5.65 15.63 31.19
CA LEU A 495 -6.32 14.89 27.51
CA ILE A 496 -4.44 18.10 26.76
CA PHE A 497 -1.72 17.42 29.33
CA LEU A 498 -1.49 13.73 28.48
CA SER A 499 -0.99 15.15 25.01
CA THR A 500 1.37 17.85 26.32
CA ALA A 501 3.28 14.93 27.81
CA VAL A 502 5.08 12.94 25.11
CA SER A 503 4.85 15.79 22.63
CA ALA A 504 8.32 14.78 21.41
CA ALA B 1 -9.00 -2.06 2.33
CA VAL B 2 -10.71 -0.68 5.44
CA THR B 3 -7.74 -0.68 7.81
CA LEU B 4 -6.96 2.51 9.66
CA PRO B 5 -6.95 1.40 13.30
CA SER B 6 -3.96 1.28 15.67
CA HIS B 7 -3.65 5.05 16.00
CA SER B 8 -6.89 6.22 17.54
CA THR B 9 -7.98 2.63 18.08
CA ARG B 10 -5.10 1.53 20.31
CA LYS B 11 -1.65 3.15 20.61
CA LEU B 12 1.42 2.08 22.57
CA GLN B 13 2.68 4.40 25.33
CA THR B 14 6.24 3.83 26.55
CA ARG B 15 9.44 5.82 26.53
CA SER B 16 10.23 5.58 22.83
CA GLN B 17 8.81 6.78 19.55
CA THR B 18 5.95 4.67 18.28
CA TRP B 19 5.80 3.59 14.69
CA LEU B 20 5.42 6.69 12.45
CA GLU B 21 4.60 9.11 15.29
CA SER B 22 7.14 11.78 14.23
CA ARG B 23 4.81 12.40 11.29
CA GLU B 24 1.38 12.12 12.87
CA TYR B 25 0.21 15.61 13.79
CA THR B 26 0.76 16.52 10.12
CA LYS B 27 -0.23 13.01 8.91
CA HIS B 28 -3.67 14.16 10.11
CA LEU B 29 -3.97 17.98 10.08
CA ILE B 30 -2.85 18.82 6.55
CA ARG B 31 -5.26 16.42 4.85
CA VAL B 32 -8.30 18.03 6.46
CA GLU B 33 -6.64 21.29 5.40
CA ASN B 34 -5.76 20.24 1.85
CA TRP B 35 -9.27 18.93 1.24
CA ILE B 36 -10.70 22.16 2.69
CA PHE B 37 -8.05 24.15 0.82
CA ARG B 38 -9.86 22.96 -2.27
CA ASN B 39 -13.67 22.85 -2.57
CA PRO B 40 -13.78 25.75 -0.07
CA GLY B 41 -17.40 26.49 -0.97
CA PHE B 42 -18.09 23.49 1.24
CA ALA B 43 -16.91 25.61 4.19
CA LEU B 44 -19.33 28.32 3.03
CA ALA B 45 -22.41 26.09 3.06
CA ALA B 46 -21.33 24.28 6.23
CA ALA B 47 -21.16 27.59 8.09
CA ALA B 48 -24.68 28.75 7.17
CA ILE B 49 -26.33 25.51 8.31
CA ALA B 50 -24.11 25.64 11.40
CA TRP B 51 -24.91 29.32 11.95
CA LEU B 52 -28.68 28.94 11.58
CA LEU B 53 -28.95 26.30 14.33
CA GLY B 54 -28.22 26.71 18.05
CA SER B 55 -27.91 30.42 17.38
CA SER B 56 -25.74 31.09 20.45
CA THR B 57 -22.67 32.55 18.66
CA SER B 58 -20.99 29.82 20.71
CA GLN B 59 -23.01 26.63 20.06
CA LYS B 60 -23.13 27.46 16.35
CA VAL B 61 -19.37 28.00 16.50
CA ILE B 62 -19.08 24.48 17.85
CA TYR B 63 -20.90 23.49 14.67
CA LEU B 64 -18.70 25.49 12.27
CA VAL B 65 -15.54 23.71 13.47
CA MET B 66 -17.35 20.42 14.07
CA ILE B 67 -19.01 20.17 10.65
CA LEU B 68 -15.84 21.31 8.91
CA LEU B 69 -14.09 18.39 10.61
CA ILE B 70 -16.55 15.67 9.69
CA ALA B 71 -16.17 15.55 5.87
CA PRO B 72 -12.75 16.38 4.68
CA ALA B 73 -12.33 12.72 5.61
CA TYR B 74 -16.10 12.31 5.11
CA SER B 75 -16.37 10.28 8.31
CA GLU C 1 -13.14 -12.42 -49.09
CA VAL C 2 -12.27 -13.58 -45.59
CA GLN C 3 -9.19 -15.76 -45.56
CA LEU C 4 -7.71 -17.55 -42.65
CA VAL C 5 -4.50 -18.92 -44.10
CA GLU C 6 -2.30 -21.03 -41.89
CA SER C 7 1.20 -22.42 -41.83
CA GLY C 8 2.04 -25.95 -42.77
CA ALA C 9 3.42 -27.81 -39.99
CA GLU C 10 4.96 -31.09 -41.06
CA VAL C 11 5.80 -34.59 -40.00
CA LYS C 12 6.98 -34.22 -36.40
CA LYS C 13 8.21 -36.19 -33.40
CA PRO C 14 5.91 -36.18 -30.34
CA GLY C 15 6.40 -33.58 -27.63
CA ALA C 16 7.43 -30.92 -30.16
CA SER C 17 5.33 -27.88 -31.02
CA VAL C 18 3.44 -27.17 -34.19
CA LYS C 19 3.40 -23.39 -34.41
CA VAL C 20 0.89 -22.62 -37.10
CA SER C 21 -0.03 -19.20 -38.41
CA CYS C 22 -3.61 -18.17 -38.89
CA LYS C 23 -3.62 -15.13 -41.14
CA ALA C 24 -6.75 -13.05 -41.20
CA SER C 25 -6.72 -12.16 -44.85
CA GLY C 26 -8.93 -10.41 -47.38
CA TYR C 27 -11.20 -8.88 -44.74
CA THR C 28 -11.20 -6.74 -41.65
CA PHE C 29 -8.54 -7.71 -39.15
CA THR C 30 -9.55 -5.44 -36.39
CA SER C 31 -13.18 -6.45 -35.83
CA TYR C 32 -12.08 -10.00 -36.65
CA ALA C 33 -11.49 -12.39 -33.78
CA MET C 34 -8.98 -15.18 -34.28
CA HIS C 35 -10.12 -18.67 -33.51
CA TRP C 36 -8.80 -22.15 -34.17
CA VAL C 37 -10.44 -25.52 -34.44
CA ARG C 38 -8.28 -28.58 -34.47
CA GLN C 39 -9.16 -31.72 -36.37
CA ALA C 40 -7.40 -34.97 -36.89
CA PRO C 41 -8.28 -36.83 -40.10
CA GLY C 42 -11.45 -38.76 -39.33
CA GLN C 43 -12.28 -36.95 -36.06
CA ARG C 44 -14.85 -34.44 -34.99
CA LEU C 45 -13.88 -30.82 -34.98
CA GLU C 46 -12.41 -29.89 -31.67
CA TRP C 47 -12.35 -26.15 -31.18
CA MET C 48 -9.08 -25.17 -29.66
CA GLY C 49 -9.67 -21.61 -30.61
CA TRP C 50 -8.86 -18.34 -29.00
CA ILE C 51 -10.99 -15.24 -29.10
CA ASN C 52 -9.91 -11.64 -29.75
CA ALA C 53 -8.15 -8.92 -31.74
CA GLY C 54 -8.23 -5.92 -29.34
CA ASN C 55 -5.88 -7.08 -26.63
CA GLY C 56 -4.94 -10.39 -28.24
CA ASN C 57 -7.12 -12.40 -25.88
CA THR C 58 -6.65 -16.14 -26.18
CA LYS C 59 -9.49 -18.36 -24.98
CA TYR C 60 -9.04 -22.02 -25.64
CA SER C 61 -10.59 -25.43 -25.79
CA GLN C 62 -10.87 -26.65 -22.23
CA LYS C 63 -8.34 -29.32 -23.20
CA PHE C 64 -6.24 -26.68 -24.96
CA GLN C 65 -6.82 -24.08 -22.24
CA ASP C 66 -3.11 -24.14 -22.04
CA ARG C 67 -1.75 -26.35 -24.76
CA VAL C 68 -1.41 -24.09 -27.75
CA THR C 69 0.32 -20.76 -27.21
CA ILE C 70 -0.60 -18.33 -29.92
CA THR C 71 0.58 -15.00 -31.19
CA ARG C 72 -1.92 -13.40 -33.46
CA ASP C 73 -0.38 -10.48 -35.27
CA THR C 74 -2.19 -7.27 -36.03
CA SER C 75 0.27 -6.44 -38.81
CA ALA C 76 0.57 -9.93 -40.31
CA SER C 77 -3.09 -10.42 -39.28
CA THR C 78 -1.80 -13.82 -38.35
CA ALA C 79 -2.49 -16.14 -35.40
CA TYR C 80 0.49 -18.41 -34.96
CA MET C 81 -0.96 -21.34 -33.11
CA GLU C 82 1.83 -23.20 -31.34
CA LEU C 83 0.71 -26.50 -29.84
CA SER C 84 2.95 -27.41 -26.93
CA SER C 85 3.72 -31.13 -26.88
CA LEU C 86 2.48 -32.40 -30.20
CA ARG C 87 1.98 -36.17 -30.20
CA SER C 88 0.72 -39.01 -32.40
CA GLU C 89 -2.78 -37.99 -31.35
CA ASP C 90 -1.81 -34.44 -32.36
CA THR C 91 -1.27 -35.74 -35.86
CA ALA C 92 -4.12 -33.65 -37.05
CA ILE C 93 -5.47 -30.76 -39.10
CA TYR C 94 -5.80 -27.50 -37.16
CA TYR C 95 -8.33 -25.11 -38.63
CA CYS C 96 -8.09 -21.54 -37.43
CA ALA C 97 -11.60 -20.20 -37.44
CA ARG C 98 -13.11 -16.82 -38.10
CA ASP C 99 -15.70 -15.29 -35.94
CA LYS C 100 -15.86 -11.51 -35.81
CA VAL C 101 -15.15 -9.72 -32.53
CA ASP C 102 -17.71 -7.21 -31.33
CA ASP C 103 -17.09 -3.57 -32.24
CA TYR C 104 -15.57 -2.79 -28.84
CA GLY C 105 -12.65 -5.10 -29.62
CA ASP C 106 -13.65 -7.48 -26.84
CA TYR C 107 -14.72 -10.97 -27.92
CA TRP C 108 -16.81 -12.81 -25.35
CA PHE C 109 -20.17 -13.84 -26.73
CA PRO C 110 -19.62 -14.51 -30.43
CA THR C 111 -21.80 -13.59 -33.31
CA LEU C 112 -24.67 -15.99 -33.79
CA TRP C 113 -22.40 -17.19 -36.53
CA TYR C 114 -19.03 -18.45 -35.48
CA PHE C 115 -16.85 -19.61 -38.29
CA ASP C 116 -17.87 -18.87 -41.84
CA TYR C 117 -14.21 -18.81 -42.79
CA TRP C 118 -11.43 -20.93 -41.57
CA GLY C 119 -7.81 -21.92 -41.70
CA GLN C 120 -6.91 -23.88 -44.79
CA GLY C 121 -6.08 -26.57 -42.22
CA THR C 122 -2.88 -27.39 -40.41
CA LEU C 123 -1.96 -30.94 -41.21
CA VAL C 124 0.22 -32.24 -38.42
CA THR C 125 1.76 -35.66 -38.77
CA VAL C 126 3.43 -36.96 -35.64
CA SER C 127 5.79 -39.92 -35.69
CA SER D 1 -18.69 -29.18 -23.91
CA ALA D 2 -18.31 -30.73 -27.35
CA LEU D 3 -21.76 -31.11 -28.84
CA THR D 4 -23.30 -34.50 -29.57
CA GLN D 5 -23.52 -34.77 -33.35
CA PRO D 6 -24.44 -37.72 -35.56
CA ALA D 7 -21.35 -39.23 -37.18
CA SER D 8 -22.70 -39.56 -40.71
CA VAL D 9 -26.25 -38.78 -41.82
CA SER D 10 -27.14 -40.51 -45.07
CA GLY D 11 -30.08 -40.52 -47.45
CA SER D 12 -31.12 -40.28 -51.04
CA PRO D 13 -30.39 -37.15 -53.06
CA GLY D 14 -33.52 -35.08 -52.68
CA GLN D 15 -34.18 -36.47 -49.20
CA SER D 16 -34.42 -34.14 -46.23
CA ILE D 17 -31.95 -35.02 -43.48
CA THR D 18 -31.74 -33.23 -40.17
CA ILE D 19 -28.34 -33.44 -38.53
CA SER D 20 -29.39 -33.85 -34.91
CA CYS D 21 -26.71 -32.44 -32.63
CA THR D 22 -27.29 -32.43 -28.89
CA GLY D 23 -25.59 -29.61 -27.04
CA THR D 24 -26.09 -28.44 -23.48
CA SER D 25 -27.65 -25.59 -21.58
CA SER D 26 -24.04 -24.54 -21.11
CA ASP D 27 -23.66 -24.22 -24.87
CA VAL D 28 -26.59 -25.07 -27.14
CA GLY D 29 -29.86 -25.14 -25.26
CA GLY D 30 -29.06 -22.36 -22.81
CA PHE D 31 -28.33 -20.22 -25.85
CA ASN D 32 -29.21 -19.52 -29.42
CA TYR D 33 -25.71 -20.80 -30.07
CA VAL D 34 -25.58 -23.33 -32.89
CA SER D 35 -23.26 -23.23 -35.83
CA TRP D 36 -23.09 -25.87 -38.54
CA PHE D 37 -19.83 -26.06 -40.43
CA GLN D 38 -19.98 -28.28 -43.46
CA GLN D 39 -16.46 -29.56 -44.00
CA HIS D 40 -15.97 -31.23 -47.31
CA PRO D 41 -13.27 -33.58 -46.03
CA GLY D 42 -9.81 -32.21 -46.79
CA LYS D 43 -11.17 -28.67 -47.03
CA ALA D 44 -11.78 -26.50 -44.05
CA PRO D 45 -15.10 -26.70 -42.23
CA LYS D 46 -17.58 -24.23 -43.67
CA LEU D 47 -20.53 -22.81 -41.83
CA MET D 48 -23.87 -23.70 -43.38
CA LEU D 49 -26.08 -22.64 -40.50
CA TYR D 50 -24.88 -20.62 -37.48
CA ASP D 51 -27.69 -20.32 -34.89
CA VAL D 52 -30.64 -22.40 -36.03
CA THR D 53 -32.81 -21.02 -38.84
CA SER D 54 -30.08 -18.51 -39.61
CA ARG D 55 -28.13 -19.34 -42.74
CA PRO D 56 -25.20 -17.87 -44.65
CA SER D 57 -26.12 -15.47 -47.41
CA GLY D 58 -25.74 -18.57 -49.60
CA VAL D 59 -28.03 -21.02 -48.12
CA SER D 60 -31.04 -21.77 -50.14
CA SER D 61 -33.40 -23.39 -47.72
CA ARG D 62 -32.23 -27.01 -47.73
CA PHE D 63 -29.91 -26.46 -44.73
CA SER D 64 -32.14 -25.60 -41.79
CA GLY D 65 -31.61 -24.96 -38.12
CA SER D 66 -33.32 -26.43 -35.10
CA LYS D 67 -32.85 -26.02 -31.37
CA SER D 68 -35.13 -27.74 -28.86
CA GLY D 69 -34.09 -28.55 -25.33
CA ASN D 70 -30.39 -28.79 -26.05
CA THR D 71 -30.12 -29.46 -29.80
CA ALA D 72 -28.11 -28.22 -32.75
CA SER D 73 -29.58 -29.19 -36.11
CA LEU D 74 -28.41 -28.56 -39.62
CA THR D 75 -31.49 -29.89 -41.34
CA ILE D 76 -30.42 -30.69 -44.89
CA SER D 77 -33.64 -30.73 -46.88
CA GLY D 78 -33.96 -32.29 -50.28
CA LEU D 79 -30.49 -33.80 -50.30
CA GLN D 80 -28.24 -32.37 -52.91
CA ALA D 81 -26.33 -35.17 -54.55
CA GLU D 82 -22.95 -33.50 -53.74
CA ASP D 83 -23.59 -32.33 -50.16
CA GLU D 84 -21.65 -35.23 -48.62
CA ALA D 85 -19.19 -33.48 -46.33
CA ASP D 86 -18.34 -33.27 -42.67
CA TYR D 87 -20.89 -31.12 -40.90
CA TYR D 88 -20.02 -29.62 -37.54
CA CYS D 89 -22.36 -28.10 -35.00
CA SER D 90 -20.37 -25.72 -32.83
CA SER D 91 -21.74 -23.91 -29.85
CA HIS D 92 -20.39 -21.11 -27.75
CA THR D 93 -20.48 -22.54 -24.26
CA SER D 94 -21.49 -20.86 -21.05
CA ARG D 95 -17.84 -21.23 -20.10
CA GLY D 96 -17.46 -19.66 -23.53
CA THR D 97 -15.62 -22.34 -25.49
CA TRP D 98 -16.73 -23.15 -28.99
CA VAL D 99 -17.68 -26.81 -28.97
CA PHE D 100 -18.24 -28.88 -32.09
CA GLY D 101 -20.41 -31.97 -32.14
CA GLY D 102 -19.17 -35.44 -32.91
CA GLY D 103 -19.09 -34.25 -36.51
CA THR D 104 -21.35 -35.20 -39.38
CA LYS D 105 -20.32 -36.76 -42.63
CA LEU D 106 -23.07 -37.15 -45.20
CA THR D 107 -23.77 -40.00 -47.63
CA VAL D 108 -25.36 -39.16 -50.96
CA LEU D 109 -26.41 -42.71 -51.79
CA ILE E 1 -30.12 -4.68 -34.22
CA ARG E 2 -26.95 -3.18 -32.67
CA CYS E 3 -29.09 -1.94 -29.83
CA ILE E 4 -31.78 -4.27 -28.48
CA GLY E 5 -31.28 -5.66 -24.99
CA VAL E 6 -28.53 -3.32 -23.79
CA SER E 7 -31.06 -1.91 -21.26
CA ASN E 8 -29.63 1.61 -21.55
CA ARG E 9 -31.01 2.38 -25.02
CA ASP E 10 -33.00 5.61 -25.09
CA PHE E 11 -35.92 6.13 -27.46
CA VAL E 12 -35.99 9.71 -28.73
CA GLU E 13 -38.51 10.82 -31.36
CA GLY E 14 -38.72 14.34 -32.75
CA MET E 15 -42.26 15.53 -33.46
CA SER E 16 -41.98 17.64 -36.60
CA GLY E 17 -39.58 20.53 -36.05
CA GLY E 18 -37.54 19.11 -38.92
CA THR E 19 -34.61 17.09 -37.71
CA TRP E 20 -33.22 18.92 -34.72
CA VAL E 21 -33.41 16.42 -31.86
CA ASP E 22 -29.81 16.68 -30.62
CA VAL E 23 -30.13 13.76 -28.24
CA VAL E 24 -27.20 13.32 -25.87
CA LEU E 25 -25.39 10.07 -26.65
CA GLU E 26 -23.56 8.34 -23.83
CA HIS E 27 -21.38 5.23 -23.75
CA GLY E 28 -22.85 1.90 -22.69
CA GLY E 29 -26.30 2.48 -24.12
CA CYS E 30 -27.30 2.76 -27.76
CA VAL E 31 -29.35 5.88 -28.35
CA THR E 32 -32.13 4.73 -30.66
CA VAL E 33 -33.63 7.45 -32.82
CA MET E 34 -36.85 6.93 -34.75
CA ALA E 35 -38.73 9.64 -36.60
CA GLN E 36 -42.10 10.03 -38.24
CA ASP E 37 -40.13 9.77 -41.47
CA LYS E 38 -36.69 8.15 -41.82
CA PRO E 39 -35.56 4.67 -40.86
CA THR E 40 -34.81 4.01 -37.19
CA VAL E 41 -31.17 4.48 -36.17
CA ASP E 42 -29.33 3.18 -33.11
CA ILE E 43 -26.33 5.24 -31.96
CA GLU E 44 -23.89 4.50 -29.15
CA LEU E 45 -20.65 6.18 -28.10
CA VAL E 46 -18.65 2.95 -28.49
CA THR E 47 -15.08 4.00 -27.65
CA THR E 48 -13.80 7.44 -26.59
CA THR E 49 -10.13 8.17 -27.27
CA VAL E 50 -7.55 10.75 -26.14
CA SER E 51 -4.96 10.94 -28.90
CA ASN E 52 -2.12 13.00 -27.39
CA MET E 53 -0.75 12.93 -23.85
CA ALA E 54 2.01 14.61 -21.90
CA GLU E 55 3.55 13.16 -18.77
CA VAL E 56 2.80 15.12 -15.64
CA ARG E 57 5.69 14.04 -13.41
CA SER E 58 5.58 10.38 -12.52
CA TYR E 59 5.70 10.39 -8.74
CA CYS E 60 6.60 7.23 -6.83
CA TYR E 61 4.46 4.60 -5.19
CA GLU E 62 7.23 2.42 -3.70
CA ALA E 63 10.34 3.29 -1.66
CA SER E 64 13.96 2.27 -1.81
CA ILE E 65 16.76 3.77 0.30
CA SER E 66 20.54 3.47 0.03
CA ASP E 67 23.43 3.58 2.51
CA MET E 68 23.54 5.02 6.04
CA ALA E 69 26.77 6.78 6.92
CA SER E 70 27.21 8.75 10.12
CA ASP E 71 29.42 11.83 10.42
CA SER E 72 28.48 11.94 14.10
CA ARG E 73 30.03 14.92 15.88
CA CYS E 74 30.24 15.31 19.65
CA PRO E 75 28.57 18.33 21.35
CA THR E 76 31.58 20.55 20.62
CA GLN E 77 32.14 21.89 17.05
CA GLY E 78 28.37 21.61 16.59
CA GLU E 79 27.08 20.65 13.19
CA ALA E 80 28.18 17.60 11.19
CA TYR E 81 28.63 17.23 7.45
CA LEU E 82 28.59 13.68 5.98
CA ASP E 83 29.59 14.50 2.41
CA LYS E 84 26.94 12.00 1.33
CA GLN E 85 24.80 15.06 2.12
CA SER E 86 24.34 17.84 -0.47
CA ASP E 87 22.99 15.44 -3.13
CA THR E 88 19.68 14.89 -4.91
CA GLN E 89 19.00 11.19 -4.13
CA TYR E 90 20.60 11.08 -0.66
CA VAL E 91 18.05 11.64 2.12
CA CYS E 92 19.65 13.03 5.28
CA LYS E 93 18.67 13.78 8.86
CA ARG E 94 20.50 15.18 11.88
CA THR E 95 19.26 13.65 15.15
CA LEU E 96 20.60 14.65 18.54
CA VAL E 97 21.64 11.39 20.20
CA ASP E 98 22.81 10.99 23.75
CA ARG E 99 26.50 10.71 24.30
CA GLY E 100 27.50 11.75 27.75
CA TRP E 101 31.15 10.75 27.79
CA GLY E 102 31.60 7.03 27.35
CA ASN E 103 32.39 7.44 23.67
CA GLY E 104 34.37 10.31 22.17
CA CYS E 105 32.86 13.42 23.61
CA GLY E 106 34.93 14.91 26.47
CA LEU E 107 31.64 16.56 27.34
CA PHE E 108 28.00 15.71 27.98
CA GLY E 109 25.23 17.20 25.89
CA LYS E 110 24.33 14.70 23.16
CA GLY E 111 26.28 15.12 19.88
CA SER E 112 25.39 15.58 16.23
CA LEU E 113 25.00 12.57 13.99
CA VAL E 114 23.93 13.74 10.53
CA THR E 115 23.33 10.13 9.41
CA CYS E 116 21.96 10.02 5.86
CA ALA E 117 20.15 7.59 3.63
CA LYS E 118 19.80 7.69 -0.13
CA PHE E 119 16.36 7.33 -1.70
CA ALA E 120 16.03 6.15 -5.29
CA CYS E 121 12.45 5.63 -6.39
CA SER E 122 11.51 2.23 -7.77
CA LYS E 123 8.11 3.10 -9.18
CA LYS E 124 6.98 5.95 -11.40
CA MET E 125 3.24 6.61 -11.00
CA THR E 126 3.41 8.35 -14.40
CA GLY E 127 0.47 10.73 -14.66
CA LYS E 128 -0.25 11.91 -18.18
CA SER E 129 -1.77 15.29 -18.89
CA ILE E 130 -4.35 15.17 -21.66
CA GLN E 131 -6.24 17.83 -23.55
CA PRO E 132 -9.69 18.44 -25.05
CA GLU E 133 -8.23 18.88 -28.52
CA ASN E 134 -7.25 16.04 -30.89
CA LEU E 135 -9.00 13.51 -28.65
CA GLU E 136 -11.35 11.17 -30.40
CA TYR E 137 -15.00 10.21 -30.00
CA ARG E 138 -15.67 7.11 -32.10
CA ILE E 139 -19.39 6.27 -32.28
CA MET E 140 -21.19 3.59 -34.30
CA LEU E 141 -24.77 3.38 -35.52
CA SER E 142 -27.08 0.93 -37.27
CA VAL E 143 -30.60 0.71 -38.63
CA HIS E 144 -33.13 -2.06 -38.18
CA GLY E 145 -33.09 -4.16 -41.31
CA SER E 146 -33.53 -7.61 -42.70
CA GLN E 147 -30.18 -8.66 -41.33
CA HIS E 148 -30.93 -10.86 -38.34
CA SER E 149 -28.03 -12.48 -36.49
CA GLY E 150 -25.98 -11.44 -39.52
CA ASP E 161 -23.36 -3.67 -44.09
CA GLU E 162 -25.59 -0.85 -45.28
CA ASN E 163 -27.64 -1.02 -42.08
CA ARG E 164 -24.75 -0.04 -39.78
CA ALA E 165 -22.19 2.79 -39.88
CA LYS E 166 -19.18 4.01 -37.89
CA VAL E 167 -18.29 7.60 -36.95
CA GLU E 168 -15.45 9.31 -35.06
CA ILE E 169 -15.44 12.98 -34.08
CA THR E 170 -12.50 15.24 -32.98
CA PRO E 171 -13.08 18.79 -31.62
CA ASN E 172 -11.15 19.74 -34.72
CA SER E 173 -14.08 18.17 -36.61
CA PRO E 174 -17.27 18.36 -34.51
CA ARG E 175 -19.30 18.09 -37.70
CA ALA E 176 -19.91 14.57 -39.05
CA GLU E 177 -22.13 12.52 -41.35
CA ALA E 178 -22.77 8.77 -41.72
CA THR E 179 -23.59 7.17 -45.07
CA LEU E 180 -26.26 4.47 -44.92
CA GLY E 181 -26.94 2.79 -48.25
CA GLY E 182 -30.54 3.22 -49.25
CA PHE E 183 -31.05 4.86 -45.87
CA GLY E 184 -29.04 8.06 -45.90
CA SER E 185 -26.78 10.68 -44.43
CA LEU E 186 -27.83 11.29 -40.79
CA GLY E 187 -25.98 14.59 -40.34
CA LEU E 188 -23.93 14.72 -37.12
CA ASP E 189 -22.75 17.82 -35.25
CA CYS E 190 -21.13 16.65 -32.04
CA GLU E 191 -19.52 18.79 -29.39
CA PRO E 192 -16.23 16.86 -28.94
CA ARG E 193 -14.84 19.34 -26.40
CA THR E 194 -17.56 19.87 -23.76
CA GLY E 195 -18.45 16.23 -23.63
CA LEU E 196 -16.37 14.36 -21.03
CA ASP E 197 -14.57 17.42 -19.55
CA PHE E 198 -10.99 16.49 -20.48
CA SER E 199 -7.60 17.80 -19.23
CA ASP E 200 -8.44 18.09 -15.57
CA LEU E 201 -8.36 14.32 -15.36
CA TYR E 202 -4.82 13.10 -15.76
CA TYR E 203 -4.13 9.83 -17.52
CA LEU E 204 -2.54 8.24 -14.54
CA THR E 205 -0.42 5.11 -14.54
CA MET E 206 0.01 3.05 -11.43
CA ASN E 207 1.42 -0.37 -12.10
CA ASN E 208 -0.27 -1.50 -15.34
CA LYS E 209 -3.40 0.55 -14.62
CA HIS E 210 -4.84 3.65 -16.22
CA TRP E 211 -7.61 5.97 -15.14
CA LEU E 212 -8.51 9.60 -15.30
CA VAL E 213 -7.78 11.30 -11.98
CA HIS E 214 -8.57 14.96 -11.51
CA LYS E 215 -5.64 17.33 -11.59
CA GLU E 216 -6.91 17.74 -8.02
CA TRP E 217 -6.07 14.26 -6.66
CA PHE E 218 -3.06 13.49 -8.85
CA HIS E 219 -1.34 16.58 -7.44
CA ASP E 220 -2.74 15.74 -3.98
CA ILE E 221 -0.78 12.48 -3.93
CA PRO E 222 2.27 12.75 -1.76
CA LEU E 223 4.81 10.55 -3.47
CA PRO E 224 8.49 10.98 -4.45
CA TRP E 225 8.39 13.17 -7.49
CA HIS E 226 9.69 12.50 -10.94
CA ALA E 227 9.33 16.32 -10.79
CA GLY E 228 8.09 16.62 -14.36
CA ALA E 229 11.62 15.54 -15.25
CA ASP E 230 12.71 13.76 -18.37
CA THR E 231 14.40 10.59 -17.08
CA GLY E 232 18.02 11.08 -16.11
CA THR E 233 18.13 10.07 -12.47
CA PRO E 234 14.68 11.45 -12.57
CA HIS E 235 14.92 14.31 -10.22
CA TRP E 236 13.21 12.98 -7.15
CA ASN E 237 11.36 15.46 -5.05
CA ASN E 238 9.67 14.34 -1.84
CA LYS E 239 11.41 10.96 -1.26
CA GLU E 240 10.70 11.56 2.42
CA ALA E 241 6.94 10.92 2.65
CA LEU E 242 7.60 7.37 1.45
CA VAL E 243 10.33 6.72 4.07
CA GLU E 244 10.35 6.72 7.90
CA PHE E 245 12.98 8.25 10.24
CA LYS E 246 13.27 6.97 13.84
CA ASP E 247 15.78 6.46 16.67
CA ALA E 248 15.88 3.79 19.37
CA HIS E 249 15.21 5.70 22.60
CA ALA E 250 17.74 8.53 22.82
CA LYS E 251 20.47 7.35 20.39
CA ARG E 252 21.47 5.58 17.14
CA GLN E 253 19.19 7.13 14.52
CA THR E 254 17.74 4.90 11.80
CA VAL E 255 15.45 5.09 8.75
CA VAL E 256 12.55 2.72 8.02
CA VAL E 257 11.79 2.13 4.36
CA LEU E 258 7.97 2.34 4.55
CA GLY E 259 7.31 -0.16 1.77
CA SER E 260 5.03 -0.44 -1.20
CA GLN E 261 2.21 2.12 -1.31
CA GLU E 262 0.85 0.70 -4.58
CA GLY E 263 -2.44 -0.46 -3.10
CA ALA E 264 -2.64 2.72 -1.04
CA VAL E 265 -3.42 5.16 -3.86
CA HIS E 266 -5.67 2.57 -5.50
CA THR E 267 -8.00 2.55 -2.50
CA ALA E 268 -8.20 6.36 -2.34
CA LEU E 269 -8.88 6.32 -6.09
CA ALA E 270 -12.57 5.44 -5.63
CA GLY E 271 -13.88 8.54 -7.37
CA ALA E 272 -11.75 8.10 -10.47
CA LEU E 273 -12.79 5.69 -13.20
CA GLU E 274 -10.31 3.31 -14.77
CA ALA E 275 -9.12 4.19 -18.27
CA GLU E 276 -9.10 1.13 -20.50
CA MET E 277 -5.81 1.15 -22.39
CA ASP E 278 -2.55 2.96 -23.06
CA GLY E 279 -0.69 3.64 -26.27
CA ALA E 280 0.05 6.58 -28.51
CA LYS E 281 -3.65 7.31 -27.94
CA GLY E 282 -5.20 6.87 -24.56
CA ARG E 283 -8.17 4.56 -25.10
CA LEU E 284 -10.87 4.98 -22.46
CA SER E 285 -14.54 4.08 -21.97
CA SER E 286 -17.70 5.69 -20.61
CA GLY E 287 -17.56 9.32 -21.70
CA HIS E 288 -20.27 11.90 -22.33
CA LEU E 289 -21.23 13.58 -25.61
CA LYS E 290 -23.77 16.21 -26.52
CA CYS E 291 -24.16 15.69 -30.26
CA ARG E 292 -26.48 17.81 -32.36
CA LEU E 293 -28.31 15.12 -34.27
CA LYS E 294 -29.52 15.87 -37.78
CA MET E 295 -31.35 13.35 -39.95
CA ASP E 296 -31.49 15.08 -43.33
CA LYS E 297 -31.32 12.12 -45.69
CA LEU E 298 -32.59 8.92 -44.18
CA ARG E 299 -34.68 6.74 -46.47
CA LEU E 300 -36.67 3.70 -45.46
CA LYS E 301 -35.47 2.05 -48.70
CA GLY E 302 -38.34 -0.38 -48.35
CA VAL E 303 -41.37 1.77 -49.06
CA SER E 304 -41.05 0.97 -52.77
CA TYR E 305 -41.07 -2.74 -51.99
CA SER E 306 -44.28 -4.63 -52.43
CA LEU E 307 -45.07 -6.42 -49.21
CA CYS E 308 -44.99 -10.09 -50.11
CA THR E 309 -47.92 -12.40 -49.47
CA ALA E 310 -46.34 -15.33 -47.65
CA ALA E 311 -46.50 -17.57 -44.65
CA PHE E 312 -44.39 -15.79 -42.04
CA THR E 313 -42.76 -17.75 -39.25
CA PHE E 314 -41.45 -16.95 -35.81
CA THR E 315 -38.23 -18.89 -35.35
CA LYS E 316 -36.94 -16.95 -32.35
CA ILE E 317 -40.07 -16.18 -30.33
CA PRO E 318 -41.27 -12.57 -29.99
CA ALA E 319 -39.45 -11.24 -26.96
CA GLU E 320 -39.81 -7.87 -25.25
CA THR E 321 -36.51 -6.11 -24.76
CA LEU E 322 -36.05 -4.46 -21.40
CA HIS E 323 -37.47 -1.17 -22.73
CA GLY E 324 -40.77 -2.80 -23.67
CA THR E 325 -40.41 -3.17 -27.42
CA VAL E 326 -40.75 -6.80 -28.42
CA THR E 327 -37.87 -7.90 -30.59
CA VAL E 328 -39.40 -10.53 -32.84
CA GLU E 329 -37.52 -12.43 -35.53
CA VAL E 330 -39.61 -13.63 -38.46
CA GLN E 331 -38.30 -15.55 -41.43
CA TYR E 332 -40.63 -16.59 -44.22
CA ALA E 333 -40.62 -18.68 -47.36
CA GLY E 334 -42.94 -18.73 -50.35
CA THR E 335 -42.17 -15.36 -51.92
CA ASP E 336 -39.38 -13.23 -53.33
CA GLY E 337 -38.44 -9.59 -53.69
CA PRO E 338 -36.76 -7.68 -50.85
CA CYS E 339 -40.39 -7.43 -49.92
CA LYS E 340 -41.99 -5.56 -47.09
CA VAL E 341 -43.63 -7.51 -44.31
CA PRO E 342 -46.55 -6.47 -42.09
CA ALA E 343 -45.25 -5.83 -38.58
CA GLN E 344 -48.50 -4.54 -37.02
CA MET E 345 -50.15 -6.40 -34.18
CA ALA E 346 -53.68 -7.19 -33.08
CA VAL E 347 -55.89 -6.67 -30.06
CA ASP E 348 -58.50 -9.19 -31.29
CA MET E 349 -58.39 -11.49 -34.31
CA GLN E 350 -61.08 -9.53 -36.18
CA THR E 351 -59.60 -6.05 -35.91
CA LEU E 352 -55.84 -6.11 -36.23
CA THR E 353 -56.47 -2.45 -35.32
CA PRO E 354 -52.70 -1.99 -35.42
CA VAL E 355 -51.89 -1.04 -31.89
CA GLY E 356 -48.74 0.16 -30.22
CA ARG E 357 -45.92 1.78 -32.17
CA LEU E 358 -43.64 -0.04 -34.60
CA ILE E 359 -39.97 0.44 -33.80
CA THR E 360 -38.48 -1.07 -36.97
CA ALA E 361 -39.99 1.78 -39.06
CA ASN E 362 -40.53 -0.01 -42.37
CA PRO E 363 -39.34 -3.61 -41.96
CA VAL E 364 -37.99 -5.12 -45.14
CA ILE E 365 -36.34 -8.30 -46.36
CA THR E 366 -33.00 -9.28 -47.88
CA GLU E 367 -34.81 -11.83 -50.11
CA SER E 368 -31.94 -13.72 -51.86
CA THR E 369 -32.76 -17.42 -51.24
CA GLU E 370 -35.27 -18.23 -48.57
CA ASN E 371 -33.74 -15.99 -45.92
CA SER E 372 -36.08 -13.23 -44.74
CA LYS E 373 -34.75 -12.59 -41.22
CA MET E 374 -36.49 -9.23 -40.81
CA MET E 375 -35.96 -9.41 -37.01
CA LEU E 376 -38.39 -6.50 -36.95
CA GLU E 377 -39.36 -5.29 -33.48
CA LEU E 378 -42.78 -4.19 -32.24
CA ASP E 379 -43.88 -1.84 -29.47
CA PRO E 380 -47.07 -3.59 -28.30
CA PRO E 381 -49.93 -1.85 -26.55
CA PHE E 382 -49.83 -1.79 -22.78
CA GLY E 383 -52.52 -4.51 -22.73
CA ASP E 384 -53.13 -7.86 -24.41
CA SER E 385 -51.67 -7.93 -27.89
CA TYR E 386 -51.55 -10.48 -30.67
CA ILE E 387 -48.25 -9.95 -32.47
CA VAL E 388 -49.13 -10.79 -36.05
CA ILE E 389 -46.60 -10.78 -38.88
CA GLY E 390 -48.26 -11.71 -42.13
CA VAL E 391 -50.02 -10.46 -45.20
CA GLY E 392 -52.82 -12.75 -46.29
CA GLU E 393 -55.40 -14.84 -44.45
CA LYS E 394 -52.42 -16.79 -43.07
CA LYS E 395 -50.52 -14.43 -40.79
CA ILE E 396 -48.58 -15.81 -37.86
CA THR E 397 -50.01 -14.49 -34.63
CA HIS E 398 -48.19 -14.38 -31.33
CA HIS E 399 -50.45 -13.24 -28.58
CA TRP E 400 -48.16 -10.82 -26.90
CA HIS E 401 -49.73 -9.14 -23.88
CA ARG E 402 -47.12 -6.45 -23.35
CA SER E 403 -48.54 -6.14 -19.81
CA GLY E 404 -46.59 -2.89 -19.27
CA SER E 405 -48.47 -0.14 -17.48
CA THR E 406 -49.03 3.20 -19.19
CA ILE E 407 -48.49 5.36 -16.11
CA GLY E 408 -45.54 3.25 -14.94
CA LYS E 409 -44.06 3.76 -18.38
CA ALA E 410 -44.36 7.55 -18.38
CA PHE E 411 -43.03 7.42 -14.83
CA GLU E 412 -40.09 5.38 -16.13
CA ALA E 413 -39.03 8.02 -18.65
CA THR E 414 -39.10 10.65 -15.90
CA VAL E 415 -36.90 8.62 -13.53
CA ARG E 416 -34.54 7.84 -16.40
CA GLY E 417 -34.98 11.50 -17.25
CA ALA E 418 -33.81 12.19 -13.71
CA LYS E 419 -30.96 9.69 -14.00
CA ARG E 420 -30.11 11.46 -17.23
CA MET E 421 -30.63 14.69 -15.31
CA ALA E 422 -28.25 13.47 -12.60
CA VAL E 423 -25.64 12.06 -14.98
CA LEU E 424 -25.96 14.68 -17.72
CA GLY E 425 -26.47 17.54 -15.28
CA ASP E 426 -27.57 20.62 -17.20
CA THR E 427 -27.36 18.39 -20.28
CA ALA E 428 -30.63 16.82 -19.04
CA TRP E 429 -32.19 19.79 -20.72
CA ASP E 430 -31.04 19.64 -24.40
CA PHE E 431 -31.12 15.84 -24.20
CA GLY E 432 -34.75 15.81 -25.36
CA SER E 433 -34.07 19.25 -26.79
CA VAL E 434 -35.76 19.49 -30.19
CA GLY E 435 -37.12 23.03 -30.50
CA GLY E 436 -38.38 23.86 -27.01
CA ALA E 437 -37.34 27.30 -25.84
CA LEU E 438 -38.24 26.03 -22.36
CA ASN E 439 -35.51 23.47 -22.97
CA SER E 440 -32.78 26.03 -23.61
CA LEU E 441 -34.16 27.74 -20.54
CA GLY E 442 -33.95 24.44 -18.64
CA LYS E 443 -30.34 24.25 -19.76
CA GLY E 444 -29.55 27.68 -18.36
CA ILE E 445 -31.76 26.88 -15.39
CA HIS E 446 -29.89 23.68 -14.65
CA GLN E 447 -26.74 25.48 -15.79
CA ILE E 448 -26.43 28.06 -13.02
CA PHE E 449 -28.03 25.52 -10.69
CA GLY E 450 -25.81 22.64 -11.80
CA ALA E 451 -22.89 25.05 -11.60
CA ALA E 452 -23.70 26.64 -8.23
CA PHE E 453 -24.81 23.37 -6.63
CA LYS E 454 -21.46 21.77 -7.43
CA SER E 455 -19.44 24.97 -6.94
CA LEU E 456 -20.37 25.38 -3.28
CA PHE E 457 -20.18 21.60 -2.93
CA GLY E 458 -17.88 19.76 -5.31
CA GLY E 459 -15.94 17.82 -2.84
CA MET E 460 -18.77 15.57 -1.66
CA SER E 461 -18.29 11.87 -1.11
CA TRP E 462 -21.36 9.66 -1.06
CA PHE E 463 -21.97 9.90 2.67
CA SER E 464 -20.86 13.53 2.57
CA GLN E 465 -23.90 14.39 0.47
CA ILE E 466 -26.40 12.12 2.28
CA LEU E 467 -25.27 13.18 5.76
CA ILE E 468 -25.67 16.82 4.77
CA GLY E 469 -28.59 16.03 2.47
CA THR E 470 -30.34 14.55 5.50
CA LEU E 471 -29.25 17.35 7.86
CA LEU E 472 -30.68 19.88 5.41
CA MET E 473 -33.91 17.84 5.58
CA TRP E 474 -34.05 18.03 9.37
CA LEU E 475 -33.39 21.69 8.67
CA GLY E 476 -36.04 21.33 5.97
CA LEU E 477 -38.77 20.77 8.52
CA ASN E 478 -37.29 22.55 11.52
CA THR E 479 -38.62 26.03 12.25
CA LYS E 480 -39.03 29.62 11.02
CA ASN E 481 -40.59 30.33 7.57
CA GLY E 482 -41.69 27.98 4.84
CA SER E 483 -39.00 29.56 2.65
CA ILE E 484 -35.61 29.62 4.39
CA SER E 485 -36.36 26.27 6.02
CA LEU E 486 -37.66 25.24 2.59
CA MET E 487 -34.54 26.18 0.63
CA CYS E 488 -32.62 24.21 3.24
CA LEU E 489 -34.99 21.31 2.50
CA ALA E 490 -34.76 21.39 -1.29
CA LEU E 491 -30.97 21.50 -1.25
CA GLY E 492 -30.63 18.47 1.00
CA GLY E 493 -33.22 16.67 -1.09
CA VAL E 494 -30.82 16.96 -4.02
CA LEU E 495 -27.84 15.62 -2.05
CA ILE E 496 -30.11 12.74 -1.05
CA PHE E 497 -31.61 12.36 -4.50
CA LEU E 498 -28.30 12.88 -6.29
CA SER E 499 -27.26 10.07 -3.97
CA THR E 500 -30.50 8.16 -4.63
CA ALA E 501 -29.52 8.50 -8.27
CA VAL E 502 -26.57 6.24 -9.10
CA SER E 503 -27.13 4.09 -6.04
CA ALA E 504 -26.10 1.09 -8.18
CA ALA F 1 1.47 8.91 3.14
CA VAL F 2 -1.32 11.48 3.38
CA THR F 3 -3.27 10.54 0.24
CA LEU F 4 -6.96 9.99 0.68
CA PRO F 5 -8.45 12.44 -1.82
CA SER F 6 -10.32 11.47 -5.01
CA HIS F 7 -13.42 10.24 -3.22
CA SER F 8 -14.81 13.20 -1.30
CA THR F 9 -12.23 15.46 -2.90
CA ARG F 10 -13.20 14.79 -6.51
CA LYS F 11 -15.23 11.87 -7.89
CA LEU F 12 -16.20 11.06 -11.47
CA GLN F 13 -19.90 10.92 -12.39
CA THR F 14 -20.79 8.92 -15.52
CA ARG F 15 -22.90 5.92 -16.41
CA SER F 16 -20.44 3.23 -15.30
CA GLN F 17 -18.88 2.06 -12.09
CA THR F 18 -16.09 4.27 -10.80
CA TRP F 19 -12.97 2.76 -9.37
CA LEU F 20 -13.85 0.76 -6.23
CA GLU F 21 -17.37 2.19 -5.85
CA SER F 22 -19.04 -1.24 -5.44
CA ARG F 23 -17.37 -1.26 -2.04
CA GLU F 24 -17.68 2.36 -0.89
CA TYR F 25 -20.72 2.60 1.39
CA THR F 26 -19.08 -0.16 3.47
CA LYS F 27 -15.57 1.20 2.76
CA HIS F 28 -16.73 3.94 5.12
CA LEU F 29 -19.59 3.00 7.51
CA ILE F 30 -18.09 -0.12 9.08
CA ARG F 31 -14.90 1.66 10.16
CA VAL F 32 -16.77 4.27 12.19
CA GLU F 33 -18.76 1.36 13.62
CA ASN F 34 -15.90 -1.04 14.35
CA TRP F 35 -13.89 1.65 16.12
CA ILE F 36 -17.01 2.45 18.15
CA PHE F 37 -17.72 -1.27 18.64
CA ARG F 38 -14.55 -1.31 20.69
CA ASN F 39 -13.62 1.42 23.20
CA PRO F 40 -17.37 1.97 23.66
CA GLY F 41 -16.70 4.07 26.75
CA PHE F 42 -15.85 6.77 24.23
CA ALA F 43 -19.44 6.83 22.96
CA LEU F 44 -20.40 7.08 26.65
CA ALA F 45 -18.13 10.07 27.25
CA ALA F 46 -18.94 11.67 23.90
CA ALA F 47 -22.66 11.53 24.68
CA ALA F 48 -22.34 13.31 28.04
CA ILE F 49 -20.40 16.26 26.61
CA ALA F 50 -22.93 16.29 23.77
CA TRP F 51 -25.96 16.09 26.08
CA LEU F 52 -24.80 18.90 28.40
CA LEU F 53 -24.55 21.55 25.67
CA GLY F 54 -27.39 22.98 23.55
CA SER F 55 -29.79 21.08 25.79
CA SER F 56 -32.60 20.95 23.23
CA THR F 57 -33.01 17.12 23.12
CA SER F 58 -32.43 17.86 19.41
CA GLN F 59 -29.42 20.21 19.14
CA LYS F 60 -27.62 17.91 21.58
CA VAL F 61 -28.66 14.95 19.41
CA ILE F 62 -26.89 16.65 16.53
CA TYR F 63 -23.81 16.43 18.74
CA LEU F 64 -24.16 12.77 19.76
CA VAL F 65 -24.01 11.56 16.14
CA MET F 66 -21.65 14.37 15.14
CA ILE F 67 -19.08 13.83 17.90
CA LEU F 68 -19.40 10.07 17.40
CA LEU F 69 -18.61 10.67 13.74
CA ILE F 70 -15.61 12.92 14.25
CA ALA F 71 -13.14 10.54 15.95
CA PRO F 72 -13.53 6.99 14.92
CA ALA F 73 -11.42 8.39 12.09
CA TYR F 74 -10.16 11.11 14.48
CA SER F 75 -10.57 13.73 11.76
CA GLU G 1 42.57 -13.80 27.09
CA VAL G 2 41.10 -12.10 24.05
CA GLN G 3 42.26 -13.71 20.85
CA LEU G 4 41.54 -12.61 17.36
CA VAL G 5 43.03 -15.41 15.31
CA GLU G 6 42.90 -15.14 11.56
CA SER G 7 43.37 -17.30 8.51
CA GLY G 8 46.52 -17.34 6.47
CA ALA G 9 45.98 -16.20 3.09
CA GLU G 10 48.93 -16.86 0.83
CA VAL G 11 50.75 -15.80 -2.26
CA LYS G 12 48.00 -14.79 -4.70
CA LYS G 13 47.40 -13.38 -8.17
CA PRO G 14 45.80 -9.91 -8.30
CA GLY G 15 42.04 -9.59 -8.57
CA ALA G 16 41.47 -12.66 -6.39
CA SER G 17 40.03 -12.55 -2.88
CA VAL G 18 41.78 -13.14 0.38
CA LYS G 19 39.08 -14.46 2.66
CA VAL G 20 40.59 -14.33 6.12
CA SER G 21 38.96 -15.49 9.32
CA CYS G 22 39.01 -13.38 12.43
CA LYS G 23 38.14 -15.64 15.34
CA ALA G 24 37.07 -13.97 18.53
CA SER G 25 38.72 -16.35 20.95
CA GLY G 26 39.33 -16.68 24.66
CA TYR G 27 36.84 -13.95 25.58
CA THR G 28 33.24 -12.90 25.17
CA PHE G 29 32.00 -13.19 21.62
CA THR G 30 28.68 -11.59 22.10
CA SER G 31 29.63 -8.20 23.53
CA TYR G 32 32.67 -8.35 21.26
CA ALA G 33 32.57 -6.39 18.02
CA MET G 34 34.63 -7.67 15.11
CA HIS G 35 36.95 -5.24 13.45
CA TRP G 36 39.80 -5.49 10.99
CA VAL G 37 42.78 -3.30 10.26
CA ARG G 38 44.80 -3.95 7.17
CA GLN G 39 48.52 -3.35 6.95
CA ALA G 40 51.05 -3.92 4.26
CA PRO G 41 54.62 -4.46 5.46
CA GLY G 42 56.07 -1.00 5.98
CA GLN G 43 52.75 0.89 5.81
CA ARG G 44 50.55 2.61 8.31
CA LEU G 45 47.66 0.72 9.73
CA GLU G 46 44.61 1.19 7.58
CA TRP G 47 41.48 0.20 9.42
CA MET G 48 39.28 -1.73 7.08
CA GLY G 49 37.28 -2.98 9.98
CA TRP G 50 33.65 -3.74 10.47
CA ILE G 51 31.68 -3.20 13.63
CA ASN G 52 29.20 -5.54 15.31
CA ALA G 53 28.15 -8.89 16.78
CA GLY G 54 24.37 -8.45 17.28
CA ASN G 55 23.16 -8.32 13.70
CA GLY G 56 26.55 -8.87 12.09
CA ASN G 57 26.90 -5.22 11.08
CA THR G 58 29.86 -4.54 8.83
CA LYS G 59 31.20 -0.99 8.75
CA TYR G 60 34.33 -0.52 6.74
CA SER G 61 37.23 1.68 5.86
CA GLN G 62 35.94 4.31 3.48
CA LYS G 63 38.18 2.70 0.87
CA PHE G 64 37.01 -0.74 1.95
CA GLN G 65 33.39 0.40 2.38
CA ASP G 66 32.75 -2.28 -0.12
CA ARG G 67 35.95 -4.13 -0.82
CA VAL G 68 36.09 -6.82 1.82
CA THR G 69 32.97 -8.90 2.33
CA ILE G 70 32.99 -10.53 5.71
CA THR G 71 31.10 -13.23 7.52
CA ARG G 72 31.70 -13.14 11.21
CA ASP G 73 30.42 -16.28 12.83
CA THR G 74 28.72 -16.37 16.20
CA SER G 75 29.50 -20.08 16.56
CA ALA G 76 33.04 -20.03 15.18
CA SER G 77 33.31 -16.51 16.68
CA THR G 78 35.10 -15.85 13.46
CA ALA G 79 35.09 -12.91 11.04
CA TYR G 80 36.09 -14.19 7.63
CA MET G 81 37.35 -11.08 5.91
CA GLU G 82 37.21 -11.60 2.16
CA LEU G 83 38.92 -8.84 0.21
CA SER G 84 37.44 -8.58 -3.26
CA SER G 85 40.11 -7.93 -5.87
CA LEU G 86 43.37 -8.45 -4.06
CA ARG G 87 46.29 -6.87 -5.88
CA SER G 88 50.03 -6.22 -5.54
CA GLU G 89 49.14 -3.32 -3.26
CA ASP G 90 46.92 -5.76 -1.35
CA THR G 91 50.05 -7.73 -0.60
CA ALA G 92 49.64 -6.93 3.02
CA ILE G 93 48.96 -8.00 6.59
CA TYR G 94 45.32 -7.70 7.63
CA TYR G 95 44.81 -7.40 11.36
CA CYS G 96 41.32 -8.06 12.60
CA ALA G 97 40.83 -5.83 15.59
CA ARG G 98 38.91 -6.17 18.81
CA ASP G 99 36.77 -3.49 20.18
CA LYS G 100 33.84 -4.50 22.35
CA VAL G 101 30.30 -3.78 21.19
CA ASP G 102 28.02 -1.98 23.62
CA ASP G 103 25.76 -4.14 25.76
CA TYR G 104 22.76 -3.63 23.45
CA GLY G 105 24.58 -5.53 20.70
CA ASP G 106 24.76 -2.42 18.52
CA TYR G 107 28.25 -1.09 17.79
CA TRP G 108 28.33 2.54 16.74
CA PHE G 109 30.49 4.65 19.01
CA PRO G 110 33.28 2.35 20.23
CA THR G 111 34.73 2.08 23.65
CA LEU G 112 37.28 4.76 24.36
CA TRP G 113 39.60 1.88 23.67
CA TYR G 114 39.37 0.33 20.27
CA PHE G 115 41.72 -2.54 19.70
CA ASP G 116 43.56 -4.01 22.64
CA TYR G 117 43.58 -7.35 20.84
CA TRP G 118 43.98 -8.08 17.24
CA GLY G 119 44.27 -10.57 14.46
CA GLN G 120 47.58 -12.36 14.39
CA GLY G 121 47.87 -10.67 10.98
CA THR G 122 46.84 -11.79 7.54
CA LEU G 123 49.91 -11.80 5.37
CA VAL G 124 48.80 -11.45 1.79
CA THR G 125 51.38 -11.70 -0.95
CA VAL G 126 50.13 -10.78 -4.40
CA SER G 127 52.09 -11.67 -7.51
CA SER H 1 40.07 10.08 7.92
CA ALA H 2 43.39 8.35 8.60
CA LEU H 3 45.13 10.25 11.36
CA THR H 4 48.40 12.10 10.79
CA GLN H 5 51.03 10.23 12.76
CA PRO H 6 54.82 10.63 12.83
CA ALA H 7 56.52 7.87 10.86
CA SER H 8 59.23 7.02 13.38
CA VAL H 9 59.87 8.83 16.66
CA SER H 10 63.39 8.23 17.95
CA GLY H 11 65.35 9.12 21.05
CA SER H 12 67.62 7.81 23.73
CA PRO H 13 66.43 5.09 26.10
CA GLY H 14 65.09 7.00 29.07
CA GLN H 15 64.02 9.92 26.87
CA SER H 16 60.40 11.02 26.78
CA ILE H 17 58.96 10.99 23.28
CA THR H 18 55.44 12.12 22.43
CA ILE H 19 54.05 10.53 19.30
CA SER H 20 52.21 13.50 17.82
CA CYS H 21 49.30 12.29 15.74
CA THR H 22 46.99 14.84 14.13
CA GLY H 23 43.42 13.68 13.69
CA THR H 24 40.34 15.69 12.80
CA SER H 25 37.21 17.02 14.42
CA SER H 26 35.59 14.20 12.48
CA ASP H 27 37.68 11.68 14.40
CA VAL H 28 40.21 12.90 16.95
CA GLY H 29 39.55 16.48 18.01
CA GLY H 30 35.77 16.34 17.79
CA PHE H 31 35.97 13.37 20.14
CA ASN H 32 37.86 11.79 22.97
CA TYR H 33 38.72 9.19 20.37
CA VAL H 34 42.39 8.33 20.33
CA SER H 35 43.85 4.88 20.45
CA TRP H 36 47.55 4.08 20.27
CA PHE H 37 48.41 0.59 19.09
CA GLN H 38 52.05 -0.27 19.51
CA GLN H 39 52.84 -2.83 16.83
CA HIS H 40 56.12 -4.53 17.31
CA PRO H 41 56.69 -5.10 13.59
CA GLY H 42 55.61 -8.59 12.58
CA LYS H 43 53.29 -8.84 15.58
CA ALA H 44 49.84 -7.40 15.62
CA PRO H 45 49.34 -3.79 16.67
CA LYS H 46 48.76 -3.54 20.39
CA LEU H 47 46.95 -0.72 22.10
CA MET H 48 49.11 1.24 24.54
CA LEU H 49 46.81 4.19 25.02
CA TYR H 50 43.18 4.33 23.84
CA ASP H 51 41.72 7.82 24.42
CA VAL H 52 44.46 10.09 25.70
CA THR H 53 45.53 9.71 29.34
CA SER H 54 43.71 6.39 29.45
CA ARG H 55 46.05 3.41 29.38
CA PRO H 56 45.71 -0.38 29.35
CA SER H 57 45.80 -2.02 32.75
CA GLY H 58 49.48 -2.53 31.90
CA VAL H 59 50.74 0.85 31.19
CA SER H 60 53.04 2.23 33.72
CA SER H 61 53.07 5.91 33.03
CA ARG H 62 55.62 6.22 30.25
CA PHE H 63 52.96 5.95 27.50
CA SER H 64 50.77 9.02 27.86
CA GLY H 65 47.87 10.49 25.97
CA SER H 66 47.32 13.96 24.63
CA LYS H 67 44.56 15.58 22.61
CA SER H 68 44.60 19.28 21.76
CA GLY H 69 42.80 20.75 18.79
CA ASN H 70 42.89 17.62 16.69
CA THR H 71 45.75 15.50 18.10
CA ALA H 72 46.39 11.92 19.08
CA SER H 73 49.47 11.45 21.22
CA LEU H 74 51.06 8.38 22.68
CA THR H 75 53.63 10.17 24.78
CA ILE H 76 56.33 7.62 25.51
CA SER H 77 58.12 8.95 28.57
CA GLY H 78 61.51 7.80 29.67
CA LEU H 79 62.14 5.63 26.63
CA GLN H 80 62.41 2.00 27.40
CA ALA H 81 65.27 0.52 25.44
CA GLU H 82 62.96 -2.12 23.84
CA ASP H 83 59.92 0.05 23.02
CA GLU H 84 60.83 0.33 19.32
CA ALA H 85 57.68 -0.80 17.56
CA ASP H 86 55.05 0.55 15.22
CA TYR H 87 52.69 2.79 17.13
CA TYR H 88 49.30 3.53 15.66
CA CYS H 89 46.87 6.25 16.68
CA SER H 90 43.39 5.19 15.62
CA SER H 91 40.33 7.33 15.96
CA HIS H 92 36.66 6.57 15.60
CA THR H 93 35.55 9.07 13.01
CA SER H 94 32.38 11.11 12.93
CA ARG H 95 31.50 8.99 9.90
CA GLY H 96 32.45 6.26 12.35
CA THR H 97 35.44 4.62 10.69
CA TRP H 98 38.46 3.76 12.77
CA VAL H 99 41.35 5.68 11.28
CA PHE H 100 44.98 5.02 12.10
CA GLY H 101 47.68 7.64 11.76
CA GLY H 102 50.61 7.39 9.39
CA GLY H 103 52.00 4.91 11.91
CA THR H 104 54.88 5.33 14.31
CA LYS H 105 57.98 3.21 14.47
CA LEU H 106 60.33 3.98 17.34
CA THR H 107 64.13 4.07 17.44
CA VAL H 108 65.86 3.11 20.68
CA LEU H 109 69.18 4.65 19.75
#